data_5IYU
#
_entry.id   5IYU
#
_cell.length_a   56.830
_cell.length_b   73.390
_cell.length_c   114.530
_cell.angle_alpha   90.00
_cell.angle_beta   101.93
_cell.angle_gamma   90.00
#
_symmetry.space_group_name_H-M   'C 1 2 1'
#
loop_
_entity.id
_entity.type
_entity.pdbx_description
1 polymer 'Alginate production protein AlgE'
2 non-polymer 'LAURYL DIMETHYLAMINE-N-OXIDE'
3 non-polymer '(2R)-2,3-dihydroxypropyl (9Z)-octadec-9-enoate'
4 non-polymer 3,6,9,12,15,18,21,24-OCTAOXAHEXACOSAN-1-OL
5 non-polymer 'SODIUM ION'
6 water water
#
_entity_poly.entity_id   1
_entity_poly.type   'polypeptide(L)'
_entity_poly.pdbx_seq_one_letter_code
;MNSSRSVNPRPSFAPRALSLAIALLLGAPAFAANSGEAPKNFGLDVKITGESENDRDLGTAPGGTLNDIGIDLRPWAFGQ
WGDWSAYFMGQAVAATDTIETDTLQSDTDDGNNSRNDGREPDKSYLAAREFWVDYAGLTAYPGEHLRFGRQRLREDSGQW
QDTNIEALNWSFETTLLNAHAGVAQRFSEYRTDLDELAPEDKDRTHVFGDISTQWAPHHRIGVRIHHADDSGHLRRPGEE
VDNLDKTYTGQLTWLGIEATGDAYNYRSSMPLNYWASATWLTGDRDNLTTTTVDDRRIATGKQSGDVNAFGVDLGLRWNI
DEQWKAGVGYARGSGGGKDGEEQFQQTGLESNRSNFTGTRSRVHRFGEAFRGELSNLQAATLFGSWQLREDYDASLVYHK
FWRVDDDSDIGTSGINAALQPGEKDIGQELDLVVTKYFKQGLLPASMSQYVDEPSALIRFRGGLFKPGDAYGPGTDSTMH
RAFVDFIWRF
;
_entity_poly.pdbx_strand_id   A
#
# COMPACT_ATOMS: atom_id res chain seq x y z
N GLU A 37 -4.55 -3.07 -33.80
CA GLU A 37 -5.32 -2.00 -33.18
C GLU A 37 -6.66 -2.52 -32.67
N ALA A 38 -7.14 -3.61 -33.26
CA ALA A 38 -8.35 -4.25 -32.80
C ALA A 38 -8.25 -4.52 -31.30
N PRO A 39 -9.22 -4.07 -30.50
CA PRO A 39 -9.09 -4.11 -29.03
C PRO A 39 -8.78 -5.51 -28.50
N LYS A 40 -7.65 -5.63 -27.81
CA LYS A 40 -7.07 -6.94 -27.51
C LYS A 40 -7.90 -7.70 -26.49
N ASN A 41 -8.23 -8.95 -26.81
CA ASN A 41 -9.10 -9.75 -25.95
C ASN A 41 -8.36 -10.54 -24.88
N PHE A 42 -7.09 -10.84 -25.08
CA PHE A 42 -6.36 -11.64 -24.11
C PHE A 42 -4.87 -11.43 -24.25
N GLY A 43 -4.15 -11.70 -23.17
CA GLY A 43 -2.70 -11.63 -23.15
C GLY A 43 -2.18 -12.42 -21.98
N LEU A 44 -0.86 -12.45 -21.85
CA LEU A 44 -0.19 -13.17 -20.78
C LEU A 44 0.93 -12.31 -20.22
N ASP A 45 1.00 -12.21 -18.90
CA ASP A 45 2.06 -11.47 -18.22
C ASP A 45 3.00 -12.47 -17.57
N VAL A 46 4.28 -12.42 -17.94
CA VAL A 46 5.31 -13.27 -17.35
C VAL A 46 6.25 -12.40 -16.54
N LYS A 47 6.59 -12.87 -15.35
CA LYS A 47 7.49 -12.15 -14.46
C LYS A 47 8.41 -13.14 -13.77
N ILE A 48 9.71 -13.01 -14.01
CA ILE A 48 10.72 -13.71 -13.23
C ILE A 48 11.16 -12.77 -12.13
N THR A 49 10.95 -13.16 -10.87
CA THR A 49 11.28 -12.34 -9.72
C THR A 49 12.25 -13.08 -8.81
N GLY A 50 13.37 -12.44 -8.50
CA GLY A 50 14.26 -12.89 -7.45
C GLY A 50 14.31 -11.83 -6.37
N GLU A 51 14.28 -12.25 -5.11
CA GLU A 51 14.22 -11.34 -3.98
C GLU A 51 15.26 -11.70 -2.94
N SER A 52 16.02 -10.71 -2.49
CA SER A 52 16.96 -10.85 -1.38
C SER A 52 16.44 -10.04 -0.21
N GLU A 53 16.16 -10.71 0.90
CA GLU A 53 15.67 -10.07 2.12
C GLU A 53 16.44 -10.61 3.32
N ASN A 54 17.09 -9.71 4.06
CA ASN A 54 17.85 -10.09 5.25
C ASN A 54 18.24 -8.85 6.04
N ASP A 55 17.75 -8.72 7.28
CA ASP A 55 16.80 -9.68 7.85
C ASP A 55 15.57 -8.92 8.34
N ARG A 56 14.40 -9.47 8.03
CA ARG A 56 13.14 -8.81 8.35
C ARG A 56 12.99 -8.55 9.84
N ASP A 57 13.37 -9.52 10.67
CA ASP A 57 13.21 -9.41 12.12
C ASP A 57 14.38 -8.73 12.80
N LEU A 58 15.35 -8.23 12.03
CA LEU A 58 16.60 -7.71 12.58
C LEU A 58 17.26 -8.73 13.51
N GLY A 59 17.40 -9.95 13.00
CA GLY A 59 18.16 -10.99 13.67
C GLY A 59 17.66 -11.41 15.03
N THR A 60 16.40 -11.11 15.35
CA THR A 60 15.86 -11.47 16.66
C THR A 60 15.24 -12.85 16.68
N ALA A 61 14.68 -13.30 15.56
CA ALA A 61 14.01 -14.59 15.45
C ALA A 61 14.79 -15.52 14.54
N PRO A 62 14.58 -16.84 14.66
CA PRO A 62 15.33 -17.78 13.81
C PRO A 62 15.00 -17.61 12.34
N GLY A 63 16.03 -17.72 11.51
CA GLY A 63 15.84 -17.73 10.07
C GLY A 63 15.21 -16.44 9.57
N GLY A 64 14.11 -16.58 8.84
CA GLY A 64 13.44 -15.41 8.31
C GLY A 64 14.16 -14.72 7.17
N THR A 65 15.01 -15.45 6.44
CA THR A 65 15.82 -14.88 5.38
C THR A 65 15.27 -15.28 4.01
N LEU A 66 15.35 -14.35 3.06
CA LEU A 66 14.97 -14.61 1.68
C LEU A 66 16.14 -14.37 0.75
N ASN A 67 16.30 -15.27 -0.22
CA ASN A 67 17.28 -15.18 -1.28
C ASN A 67 16.86 -16.14 -2.39
N ASP A 68 15.68 -15.92 -2.95
CA ASP A 68 14.99 -16.94 -3.73
C ASP A 68 14.39 -16.33 -4.98
N ILE A 69 14.12 -17.20 -5.96
CA ILE A 69 13.67 -16.79 -7.28
C ILE A 69 12.35 -17.49 -7.58
N GLY A 70 11.53 -16.85 -8.41
CA GLY A 70 10.25 -17.43 -8.81
C GLY A 70 9.78 -16.86 -10.12
N ILE A 71 8.74 -17.50 -10.68
CA ILE A 71 8.11 -17.05 -11.90
C ILE A 71 6.62 -16.85 -11.62
N ASP A 72 6.04 -15.85 -12.28
CA ASP A 72 4.66 -15.44 -12.02
C ASP A 72 3.95 -15.23 -13.36
N LEU A 73 3.14 -16.21 -13.74
CA LEU A 73 2.35 -16.14 -14.98
C LEU A 73 0.99 -15.53 -14.68
N ARG A 74 0.58 -14.55 -15.46
CA ARG A 74 -0.68 -13.83 -15.27
C ARG A 74 -1.43 -13.74 -16.58
N PRO A 75 -2.22 -14.76 -16.92
CA PRO A 75 -3.09 -14.65 -18.10
C PRO A 75 -4.27 -13.75 -17.81
N TRP A 76 -4.68 -12.99 -18.82
CA TRP A 76 -5.83 -12.10 -18.67
C TRP A 76 -6.72 -12.20 -19.89
N ALA A 77 -8.01 -11.93 -19.67
CA ALA A 77 -9.01 -11.96 -20.72
C ALA A 77 -9.84 -10.69 -20.66
N PHE A 78 -10.29 -10.23 -21.82
CA PHE A 78 -11.05 -8.98 -21.88
C PHE A 78 -12.07 -9.05 -23.01
N GLY A 79 -13.31 -8.71 -22.68
CA GLY A 79 -14.35 -8.58 -23.69
C GLY A 79 -15.00 -7.22 -23.60
N GLN A 80 -15.47 -6.74 -24.75
CA GLN A 80 -16.07 -5.41 -24.84
C GLN A 80 -17.22 -5.44 -25.84
N TRP A 81 -18.39 -4.96 -25.41
CA TRP A 81 -19.60 -4.94 -26.24
C TRP A 81 -20.34 -3.64 -25.95
N GLY A 82 -20.07 -2.62 -26.76
CA GLY A 82 -20.69 -1.32 -26.56
C GLY A 82 -20.29 -0.75 -25.21
N ASP A 83 -21.29 -0.45 -24.39
CA ASP A 83 -21.06 0.07 -23.04
C ASP A 83 -20.61 -1.00 -22.06
N TRP A 84 -20.78 -2.27 -22.39
CA TRP A 84 -20.49 -3.37 -21.48
C TRP A 84 -19.09 -3.92 -21.75
N SER A 85 -18.41 -4.30 -20.67
CA SER A 85 -17.10 -4.93 -20.77
C SER A 85 -16.90 -5.84 -19.56
N ALA A 86 -16.04 -6.84 -19.74
CA ALA A 86 -15.71 -7.78 -18.68
C ALA A 86 -14.24 -8.12 -18.77
N TYR A 87 -13.66 -8.49 -17.63
CA TYR A 87 -12.23 -8.72 -17.55
C TYR A 87 -11.92 -9.73 -16.47
N PHE A 88 -11.03 -10.68 -16.78
CA PHE A 88 -10.53 -11.64 -15.82
C PHE A 88 -9.02 -11.71 -15.96
N MET A 89 -8.31 -11.62 -14.83
CA MET A 89 -6.89 -11.91 -14.78
C MET A 89 -6.64 -12.94 -13.69
N GLY A 90 -5.95 -14.02 -14.04
CA GLY A 90 -5.54 -15.03 -13.09
C GLY A 90 -4.06 -14.89 -12.76
N GLN A 91 -3.59 -15.77 -11.87
CA GLN A 91 -2.21 -15.72 -11.43
C GLN A 91 -1.71 -17.12 -11.10
N ALA A 92 -0.61 -17.50 -11.72
CA ALA A 92 0.11 -18.73 -11.40
C ALA A 92 1.51 -18.38 -10.95
N VAL A 93 1.90 -18.88 -9.79
CA VAL A 93 3.20 -18.57 -9.19
C VAL A 93 3.91 -19.86 -8.85
N ALA A 94 5.22 -19.91 -9.09
CA ALA A 94 6.08 -21.00 -8.67
C ALA A 94 7.41 -20.39 -8.23
N ALA A 95 7.82 -20.68 -7.00
CA ALA A 95 8.97 -20.00 -6.43
C ALA A 95 9.78 -20.96 -5.57
N THR A 96 11.06 -20.62 -5.38
CA THR A 96 11.93 -21.39 -4.52
C THR A 96 11.63 -21.14 -3.04
N ASP A 97 10.93 -20.07 -2.72
CA ASP A 97 10.44 -19.81 -1.37
C ASP A 97 9.34 -18.77 -1.45
N THR A 98 8.66 -18.57 -0.33
CA THR A 98 7.54 -17.64 -0.27
C THR A 98 8.09 -16.23 -0.50
N ILE A 99 8.49 -15.95 -1.75
CA ILE A 99 8.94 -14.62 -2.12
C ILE A 99 7.70 -13.84 -2.52
N GLU A 100 7.86 -12.56 -2.77
CA GLU A 100 6.77 -11.66 -3.10
C GLU A 100 6.86 -11.36 -4.58
N THR A 101 5.85 -11.82 -5.33
CA THR A 101 5.76 -11.55 -6.76
C THR A 101 4.70 -10.51 -7.08
N ASP A 102 4.06 -9.93 -6.06
CA ASP A 102 2.97 -8.99 -6.27
C ASP A 102 3.04 -7.93 -5.17
N THR A 103 3.17 -6.67 -5.58
CA THR A 103 3.21 -5.58 -4.61
C THR A 103 1.88 -5.38 -3.89
N LEU A 104 0.80 -5.98 -4.38
CA LEU A 104 -0.52 -5.88 -3.78
C LEU A 104 -0.92 -7.15 -3.04
N GLN A 105 0.04 -7.96 -2.64
CA GLN A 105 -0.26 -9.16 -1.87
C GLN A 105 -0.91 -8.80 -0.54
N SER A 106 -1.80 -9.69 -0.08
CA SER A 106 -2.23 -9.65 1.31
C SER A 106 -1.14 -10.29 2.16
N ASP A 107 -0.66 -9.54 3.15
CA ASP A 107 0.54 -9.95 3.88
C ASP A 107 0.20 -11.02 4.92
N THR A 108 1.08 -12.01 5.01
CA THR A 108 0.86 -13.16 5.88
C THR A 108 1.98 -13.30 6.90
N GLY A 118 -3.70 -21.64 8.34
CA GLY A 118 -4.69 -21.17 7.38
C GLY A 118 -4.23 -19.95 6.60
N ARG A 119 -3.16 -19.32 7.09
CA ARG A 119 -2.60 -18.12 6.44
C ARG A 119 -1.13 -18.29 6.10
N GLU A 120 -0.67 -19.54 5.96
CA GLU A 120 0.70 -19.80 5.54
C GLU A 120 0.72 -20.02 4.03
N PRO A 121 1.23 -19.09 3.24
CA PRO A 121 1.27 -19.30 1.79
C PRO A 121 2.26 -20.38 1.41
N ASP A 122 2.02 -20.97 0.24
CA ASP A 122 2.92 -21.97 -0.31
C ASP A 122 3.81 -21.34 -1.37
N LYS A 123 4.94 -22.02 -1.65
CA LYS A 123 5.89 -21.50 -2.62
C LYS A 123 5.27 -21.39 -4.01
N SER A 124 4.27 -22.21 -4.31
CA SER A 124 3.57 -22.18 -5.57
C SER A 124 2.07 -22.23 -5.32
N TYR A 125 1.31 -21.46 -6.11
CA TYR A 125 -0.13 -21.36 -5.90
C TYR A 125 -0.79 -20.81 -7.17
N LEU A 126 -2.11 -20.97 -7.21
CA LEU A 126 -2.93 -20.35 -8.23
C LEU A 126 -3.78 -19.26 -7.58
N ALA A 127 -4.19 -18.27 -8.38
CA ALA A 127 -4.94 -17.16 -7.83
C ALA A 127 -5.72 -16.46 -8.94
N ALA A 128 -6.94 -16.04 -8.61
CA ALA A 128 -7.74 -15.17 -9.47
C ALA A 128 -7.57 -13.75 -8.94
N ARG A 129 -6.79 -12.94 -9.66
CA ARG A 129 -6.49 -11.59 -9.20
C ARG A 129 -7.68 -10.67 -9.41
N GLU A 130 -8.24 -10.64 -10.62
CA GLU A 130 -9.33 -9.74 -10.94
C GLU A 130 -10.39 -10.46 -11.75
N PHE A 131 -11.65 -10.16 -11.43
CA PHE A 131 -12.78 -10.53 -12.28
C PHE A 131 -13.86 -9.48 -12.07
N TRP A 132 -14.26 -8.81 -13.15
CA TRP A 132 -15.26 -7.77 -13.01
C TRP A 132 -15.97 -7.52 -14.34
N VAL A 133 -17.20 -7.01 -14.23
CA VAL A 133 -17.97 -6.52 -15.36
C VAL A 133 -18.08 -5.00 -15.21
N ASP A 134 -18.08 -4.30 -16.33
CA ASP A 134 -18.04 -2.84 -16.34
C ASP A 134 -19.08 -2.28 -17.29
N TYR A 135 -19.89 -1.35 -16.79
CA TYR A 135 -20.84 -0.60 -17.60
C TYR A 135 -20.43 0.85 -17.65
N ALA A 136 -20.41 1.43 -18.85
CA ALA A 136 -20.00 2.81 -19.05
C ALA A 136 -21.11 3.67 -19.65
N GLY A 137 -22.28 3.12 -19.91
CA GLY A 137 -23.38 3.84 -20.52
C GLY A 137 -24.23 4.67 -19.59
N LEU A 138 -23.79 4.90 -18.35
CA LEU A 138 -24.52 5.79 -17.46
C LEU A 138 -24.49 7.22 -17.98
N THR A 139 -23.32 7.68 -18.43
CA THR A 139 -23.17 9.00 -19.04
C THR A 139 -22.45 8.85 -20.37
N ALA A 140 -22.45 9.93 -21.16
CA ALA A 140 -21.74 9.96 -22.42
C ALA A 140 -20.23 10.13 -22.24
N TYR A 141 -19.77 10.42 -21.04
CA TYR A 141 -18.35 10.55 -20.76
C TYR A 141 -17.70 9.18 -20.72
N PRO A 142 -16.82 8.82 -21.67
CA PRO A 142 -16.15 7.52 -21.59
C PRO A 142 -15.21 7.40 -20.41
N GLY A 143 -14.78 8.51 -19.80
CA GLY A 143 -14.08 8.44 -18.54
C GLY A 143 -14.95 8.03 -17.37
N GLU A 144 -16.27 8.02 -17.57
CA GLU A 144 -17.23 7.59 -16.55
C GLU A 144 -17.59 6.13 -16.81
N HIS A 145 -17.53 5.31 -15.76
CA HIS A 145 -17.91 3.91 -15.87
C HIS A 145 -18.14 3.35 -14.48
N LEU A 146 -18.91 2.27 -14.43
CA LEU A 146 -19.21 1.55 -13.19
C LEU A 146 -18.65 0.14 -13.31
N ARG A 147 -17.93 -0.29 -12.27
CA ARG A 147 -17.20 -1.56 -12.30
C ARG A 147 -17.60 -2.42 -11.11
N PHE A 148 -18.01 -3.66 -11.40
CA PHE A 148 -18.50 -4.59 -10.39
C PHE A 148 -17.70 -5.88 -10.45
N GLY A 149 -17.05 -6.23 -9.35
CA GLY A 149 -16.30 -7.46 -9.23
C GLY A 149 -14.98 -7.19 -8.52
N ARG A 150 -14.13 -8.22 -8.49
CA ARG A 150 -12.80 -8.05 -7.95
C ARG A 150 -11.96 -7.24 -8.93
N GLN A 151 -11.49 -6.07 -8.51
CA GLN A 151 -10.94 -5.10 -9.43
C GLN A 151 -9.81 -4.35 -8.75
N ARG A 152 -9.07 -3.59 -9.54
CA ARG A 152 -7.94 -2.79 -9.06
C ARG A 152 -8.47 -1.42 -8.64
N LEU A 153 -8.70 -1.24 -7.34
CA LEU A 153 -8.96 0.08 -6.79
C LEU A 153 -7.64 0.82 -6.65
N ARG A 154 -7.59 2.06 -7.12
CA ARG A 154 -6.32 2.77 -7.10
C ARG A 154 -6.55 4.27 -7.12
N GLU A 155 -5.92 4.97 -6.19
CA GLU A 155 -5.74 6.42 -6.23
C GLU A 155 -4.26 6.73 -6.38
N ASP A 156 -3.96 7.95 -6.83
CA ASP A 156 -2.62 8.25 -7.31
C ASP A 156 -1.58 8.11 -6.20
N SER A 157 -1.88 8.56 -4.98
CA SER A 157 -0.88 8.51 -3.92
C SER A 157 -0.67 7.10 -3.38
N GLY A 158 -1.58 6.17 -3.66
CA GLY A 158 -1.48 4.83 -3.14
C GLY A 158 -1.63 4.70 -1.64
N GLN A 159 -1.95 5.80 -0.94
CA GLN A 159 -2.08 5.78 0.51
C GLN A 159 -3.52 5.58 0.97
N TRP A 160 -4.49 5.78 0.08
CA TRP A 160 -5.89 5.54 0.38
C TRP A 160 -6.37 4.18 -0.10
N GLN A 161 -6.15 3.87 -1.37
CA GLN A 161 -6.51 2.55 -1.90
C GLN A 161 -5.59 2.20 -3.05
N ASP A 162 -4.92 1.06 -2.93
CA ASP A 162 -4.23 0.43 -4.06
C ASP A 162 -4.16 -1.05 -3.73
N THR A 163 -5.10 -1.82 -4.28
CA THR A 163 -5.21 -3.25 -4.04
C THR A 163 -6.25 -3.81 -5.00
N ASN A 164 -6.26 -5.13 -5.13
CA ASN A 164 -7.31 -5.82 -5.85
C ASN A 164 -8.29 -6.38 -4.83
N ILE A 165 -9.53 -5.89 -4.86
CA ILE A 165 -10.54 -6.27 -3.88
C ILE A 165 -11.88 -6.29 -4.58
N GLU A 166 -12.78 -7.15 -4.09
CA GLU A 166 -14.14 -7.16 -4.60
C GLU A 166 -14.83 -5.86 -4.27
N ALA A 167 -15.38 -5.21 -5.29
CA ALA A 167 -15.96 -3.89 -5.10
C ALA A 167 -16.93 -3.58 -6.22
N LEU A 168 -17.82 -2.63 -5.95
CA LEU A 168 -18.59 -1.94 -6.97
C LEU A 168 -18.14 -0.49 -6.93
N ASN A 169 -17.38 -0.08 -7.95
CA ASN A 169 -16.75 1.22 -7.97
C ASN A 169 -17.28 2.04 -9.13
N TRP A 170 -17.65 3.29 -8.86
CA TRP A 170 -18.06 4.24 -9.88
C TRP A 170 -16.95 5.27 -10.05
N SER A 171 -16.50 5.44 -11.29
CA SER A 171 -15.46 6.40 -11.62
C SER A 171 -16.01 7.43 -12.59
N PHE A 172 -15.69 8.70 -12.33
CA PHE A 172 -16.05 9.80 -13.22
C PHE A 172 -14.82 10.69 -13.35
N GLU A 173 -14.14 10.60 -14.49
CA GLU A 173 -12.86 11.30 -14.70
C GLU A 173 -12.92 12.09 -16.00
N THR A 174 -13.08 13.40 -15.88
CA THR A 174 -13.00 14.32 -17.00
C THR A 174 -11.77 15.21 -16.82
N THR A 175 -11.62 16.18 -17.73
CA THR A 175 -10.54 17.15 -17.60
C THR A 175 -10.75 18.04 -16.38
N LEU A 176 -11.98 18.47 -16.17
CA LEU A 176 -12.30 19.52 -15.21
C LEU A 176 -12.74 18.98 -13.86
N LEU A 177 -13.18 17.72 -13.80
CA LEU A 177 -13.84 17.19 -12.62
C LEU A 177 -13.59 15.70 -12.54
N ASN A 178 -13.01 15.25 -11.43
CA ASN A 178 -12.84 13.83 -11.14
C ASN A 178 -13.67 13.48 -9.92
N ALA A 179 -14.34 12.33 -9.98
CA ALA A 179 -15.18 11.89 -8.87
C ALA A 179 -15.22 10.37 -8.88
N HIS A 180 -15.11 9.78 -7.69
CA HIS A 180 -15.19 8.34 -7.53
C HIS A 180 -16.05 8.02 -6.32
N ALA A 181 -16.72 6.87 -6.40
CA ALA A 181 -17.56 6.38 -5.31
C ALA A 181 -17.62 4.87 -5.42
N GLY A 182 -17.44 4.19 -4.29
CA GLY A 182 -17.44 2.73 -4.31
C GLY A 182 -17.57 2.13 -2.94
N VAL A 183 -17.92 0.85 -2.92
CA VAL A 183 -17.99 0.04 -1.71
C VAL A 183 -17.19 -1.23 -1.97
N ALA A 184 -16.42 -1.67 -0.97
CA ALA A 184 -15.53 -2.82 -1.16
C ALA A 184 -15.51 -3.66 0.12
N GLN A 185 -15.27 -4.95 -0.05
CA GLN A 185 -15.11 -5.88 1.06
C GLN A 185 -14.48 -7.16 0.55
N ARG A 186 -13.57 -7.72 1.34
CA ARG A 186 -12.95 -9.00 1.01
C ARG A 186 -13.81 -10.15 1.53
N PHE A 187 -14.12 -11.09 0.64
CA PHE A 187 -14.81 -12.31 1.03
C PHE A 187 -13.92 -13.54 0.92
N SER A 188 -12.78 -13.43 0.26
CA SER A 188 -11.84 -14.53 0.06
C SER A 188 -10.56 -13.94 -0.52
N GLU A 189 -9.49 -14.74 -0.47
CA GLU A 189 -8.27 -14.36 -1.16
C GLU A 189 -8.25 -14.84 -2.59
N TYR A 190 -9.05 -15.87 -2.91
CA TYR A 190 -9.14 -16.44 -4.26
C TYR A 190 -7.83 -17.10 -4.67
N ARG A 191 -7.20 -17.79 -3.72
CA ARG A 191 -5.91 -18.40 -3.97
C ARG A 191 -5.88 -19.77 -3.31
N THR A 192 -5.10 -20.67 -3.92
CA THR A 192 -5.11 -22.08 -3.54
C THR A 192 -4.39 -22.34 -2.23
N ASP A 193 -3.54 -21.43 -1.76
CA ASP A 193 -2.74 -21.66 -0.57
C ASP A 193 -3.25 -20.93 0.67
N LEU A 194 -4.19 -20.00 0.52
CA LEU A 194 -4.73 -19.25 1.65
C LEU A 194 -6.16 -19.70 1.90
N ASP A 195 -6.41 -20.18 3.12
CA ASP A 195 -7.73 -20.65 3.53
C ASP A 195 -8.61 -19.54 4.09
N GLU A 196 -8.01 -18.61 4.82
CA GLU A 196 -8.74 -17.61 5.58
C GLU A 196 -8.36 -16.21 5.13
N LEU A 197 -9.18 -15.24 5.52
CA LEU A 197 -8.83 -13.85 5.33
C LEU A 197 -7.94 -13.37 6.46
N ALA A 198 -7.23 -12.28 6.22
CA ALA A 198 -6.59 -11.58 7.32
C ALA A 198 -7.68 -11.15 8.30
N PRO A 199 -7.43 -11.28 9.60
CA PRO A 199 -8.47 -10.89 10.58
C PRO A 199 -8.97 -9.49 10.37
N GLU A 200 -8.09 -8.57 9.99
CA GLU A 200 -8.52 -7.20 9.73
C GLU A 200 -9.45 -7.09 8.52
N ASP A 201 -9.30 -7.96 7.52
CA ASP A 201 -10.21 -7.88 6.37
C ASP A 201 -11.55 -8.53 6.66
N LYS A 202 -11.59 -9.49 7.58
CA LYS A 202 -12.78 -10.29 7.83
C LYS A 202 -13.93 -9.40 8.30
N ASP A 203 -15.03 -9.41 7.54
CA ASP A 203 -16.26 -8.69 7.88
C ASP A 203 -16.04 -7.18 7.96
N ARG A 204 -15.04 -6.67 7.25
CA ARG A 204 -14.80 -5.23 7.18
C ARG A 204 -15.27 -4.70 5.84
N THR A 205 -16.23 -3.79 5.86
CA THR A 205 -16.76 -3.17 4.66
C THR A 205 -16.16 -1.78 4.49
N HIS A 206 -15.74 -1.47 3.27
CA HIS A 206 -15.12 -0.18 2.94
C HIS A 206 -16.07 0.60 2.05
N VAL A 207 -16.43 1.81 2.49
CA VAL A 207 -17.14 2.77 1.66
C VAL A 207 -16.24 3.99 1.49
N PHE A 208 -16.22 4.55 0.29
CA PHE A 208 -15.25 5.61 0.00
C PHE A 208 -15.77 6.45 -1.16
N GLY A 209 -15.29 7.70 -1.20
CA GLY A 209 -15.64 8.61 -2.26
C GLY A 209 -14.66 9.76 -2.31
N ASP A 210 -14.55 10.36 -3.48
CA ASP A 210 -13.70 11.53 -3.65
C ASP A 210 -14.24 12.37 -4.81
N ILE A 211 -13.92 13.65 -4.77
CA ILE A 211 -14.26 14.58 -5.84
C ILE A 211 -13.18 15.64 -5.90
N SER A 212 -12.70 15.93 -7.11
CA SER A 212 -11.60 16.86 -7.28
C SER A 212 -11.76 17.60 -8.60
N THR A 213 -11.19 18.81 -8.64
CA THR A 213 -11.23 19.65 -9.83
C THR A 213 -9.84 20.13 -10.16
N GLN A 214 -9.66 20.59 -11.40
CA GLN A 214 -8.40 21.12 -11.89
C GLN A 214 -8.56 22.64 -11.97
N TRP A 215 -8.42 23.30 -10.82
CA TRP A 215 -8.68 24.74 -10.74
C TRP A 215 -7.72 25.53 -11.62
N ALA A 216 -6.48 25.07 -11.76
CA ALA A 216 -5.48 25.66 -12.64
C ALA A 216 -4.92 24.55 -13.51
N PRO A 217 -4.38 24.89 -14.69
CA PRO A 217 -3.78 23.87 -15.55
C PRO A 217 -2.73 23.04 -14.83
N HIS A 218 -3.00 21.74 -14.68
CA HIS A 218 -2.14 20.76 -14.01
C HIS A 218 -2.07 20.97 -12.50
N HIS A 219 -3.02 21.70 -11.92
CA HIS A 219 -3.11 21.89 -10.48
C HIS A 219 -4.46 21.38 -10.01
N ARG A 220 -4.45 20.35 -9.17
CA ARG A 220 -5.67 19.68 -8.74
C ARG A 220 -5.89 19.90 -7.24
N ILE A 221 -7.13 20.23 -6.88
CA ILE A 221 -7.57 20.29 -5.49
C ILE A 221 -8.77 19.36 -5.37
N GLY A 222 -8.89 18.71 -4.22
CA GLY A 222 -9.99 17.78 -4.03
C GLY A 222 -10.12 17.34 -2.59
N VAL A 223 -11.24 16.66 -2.33
CA VAL A 223 -11.52 16.09 -1.01
C VAL A 223 -11.74 14.59 -1.20
N ARG A 224 -11.48 13.83 -0.14
CA ARG A 224 -11.56 12.38 -0.21
C ARG A 224 -12.07 11.83 1.12
N ILE A 225 -13.04 10.94 1.04
CA ILE A 225 -13.64 10.32 2.23
C ILE A 225 -13.53 8.80 2.08
N HIS A 226 -13.30 8.13 3.21
CA HIS A 226 -13.22 6.68 3.25
C HIS A 226 -13.72 6.21 4.60
N HIS A 227 -14.65 5.26 4.61
CA HIS A 227 -15.21 4.71 5.83
C HIS A 227 -14.97 3.22 5.88
N ALA A 228 -14.48 2.74 7.02
CA ALA A 228 -14.25 1.31 7.25
C ALA A 228 -15.09 0.87 8.44
N ASP A 229 -16.00 -0.08 8.21
CA ASP A 229 -16.89 -0.57 9.23
C ASP A 229 -16.62 -2.04 9.50
N ASP A 230 -16.57 -2.41 10.78
CA ASP A 230 -16.33 -3.78 11.21
C ASP A 230 -17.63 -4.36 11.73
N SER A 231 -18.09 -5.44 11.09
CA SER A 231 -19.28 -6.17 11.54
C SER A 231 -18.93 -7.42 12.34
N GLY A 232 -17.64 -7.72 12.49
CA GLY A 232 -17.22 -8.93 13.15
C GLY A 232 -17.35 -8.87 14.66
N HIS A 233 -16.85 -9.91 15.30
CA HIS A 233 -16.88 -10.06 16.75
C HIS A 233 -15.46 -10.26 17.27
N LEU A 234 -15.26 -9.92 18.53
CA LEU A 234 -14.00 -10.14 19.21
C LEU A 234 -14.18 -11.23 20.26
N ARG A 235 -13.08 -11.94 20.54
CA ARG A 235 -13.13 -13.07 21.47
C ARG A 235 -13.62 -12.62 22.84
N ARG A 236 -14.56 -13.37 23.39
CA ARG A 236 -15.08 -13.08 24.72
C ARG A 236 -14.00 -13.36 25.76
N PRO A 237 -14.08 -12.71 26.93
CA PRO A 237 -13.08 -12.94 27.97
C PRO A 237 -13.00 -14.41 28.37
N GLY A 238 -11.78 -14.88 28.57
CA GLY A 238 -11.50 -16.28 28.84
C GLY A 238 -11.18 -17.11 27.62
N GLU A 239 -11.33 -16.56 26.41
CA GLU A 239 -11.14 -17.31 25.19
C GLU A 239 -9.69 -17.25 24.73
N GLU A 240 -9.19 -18.40 24.26
CA GLU A 240 -7.90 -18.43 23.55
C GLU A 240 -8.01 -17.62 22.26
N VAL A 241 -7.02 -16.76 22.04
CA VAL A 241 -6.98 -15.88 20.88
C VAL A 241 -5.79 -16.28 20.02
N ASP A 242 -6.05 -16.62 18.76
CA ASP A 242 -5.00 -17.03 17.83
C ASP A 242 -4.35 -15.85 17.13
N ASN A 243 -3.81 -16.09 15.94
CA ASN A 243 -3.31 -15.02 15.08
C ASN A 243 -4.34 -14.57 14.05
N LEU A 244 -5.45 -15.30 13.91
CA LEU A 244 -6.49 -14.94 12.97
C LEU A 244 -7.73 -14.37 13.63
N ASP A 245 -7.77 -14.32 14.96
CA ASP A 245 -8.74 -13.49 15.64
C ASP A 245 -8.33 -12.02 15.48
N LYS A 246 -9.31 -11.14 15.59
CA LYS A 246 -9.07 -9.73 15.30
C LYS A 246 -8.48 -9.01 16.50
N THR A 247 -7.61 -8.04 16.23
CA THR A 247 -7.10 -7.19 17.30
C THR A 247 -8.17 -6.24 17.80
N TYR A 248 -9.05 -5.76 16.92
CA TYR A 248 -10.02 -4.73 17.26
C TYR A 248 -11.17 -4.78 16.27
N THR A 249 -12.24 -4.08 16.61
CA THR A 249 -13.33 -3.80 15.70
C THR A 249 -13.57 -2.29 15.71
N GLY A 250 -13.55 -1.68 14.54
CA GLY A 250 -13.59 -0.23 14.45
C GLY A 250 -14.61 0.27 13.45
N GLN A 251 -15.07 1.49 13.70
CA GLN A 251 -15.90 2.26 12.77
C GLN A 251 -15.10 3.53 12.48
N LEU A 252 -14.32 3.50 11.40
CA LEU A 252 -13.36 4.55 11.12
C LEU A 252 -13.75 5.31 9.85
N THR A 253 -13.52 6.61 9.87
CA THR A 253 -13.81 7.50 8.74
C THR A 253 -12.61 8.40 8.49
N TRP A 254 -12.13 8.41 7.26
CA TRP A 254 -11.00 9.25 6.87
C TRP A 254 -11.53 10.43 6.06
N LEU A 255 -11.21 11.64 6.51
CA LEU A 255 -11.62 12.88 5.84
C LEU A 255 -10.36 13.57 5.35
N GLY A 256 -10.21 13.64 4.03
CA GLY A 256 -8.96 14.07 3.41
C GLY A 256 -9.11 15.30 2.54
N ILE A 257 -8.14 16.21 2.65
CA ILE A 257 -7.92 17.29 1.70
C ILE A 257 -6.68 16.92 0.89
N GLU A 258 -6.69 17.21 -0.40
CA GLU A 258 -5.55 16.88 -1.26
C GLU A 258 -5.37 17.96 -2.31
N ALA A 259 -4.18 18.54 -2.35
CA ALA A 259 -3.78 19.50 -3.38
C ALA A 259 -2.55 18.95 -4.08
N THR A 260 -2.62 18.81 -5.40
CA THR A 260 -1.52 18.25 -6.17
C THR A 260 -1.27 19.10 -7.41
N GLY A 261 -0.01 19.18 -7.80
CA GLY A 261 0.38 19.80 -9.05
C GLY A 261 1.33 18.89 -9.82
N ASP A 262 0.77 18.04 -10.67
CA ASP A 262 1.53 16.99 -11.36
C ASP A 262 2.35 16.18 -10.36
N ALA A 263 1.73 15.90 -9.20
CA ALA A 263 2.45 15.24 -8.12
C ALA A 263 2.97 13.87 -8.54
N TYR A 264 2.19 13.15 -9.35
CA TYR A 264 2.54 11.80 -9.77
C TYR A 264 2.52 11.69 -11.29
N ASN A 265 2.72 12.81 -11.99
CA ASN A 265 2.81 12.86 -13.44
C ASN A 265 4.28 12.97 -13.79
N TYR A 266 4.88 11.87 -14.24
CA TYR A 266 6.31 11.84 -14.52
C TYR A 266 6.67 12.50 -15.85
N ARG A 267 5.70 13.02 -16.60
CA ARG A 267 5.97 13.79 -17.81
C ARG A 267 5.55 15.25 -17.63
N SER A 268 5.71 15.78 -16.43
CA SER A 268 5.25 17.13 -16.12
C SER A 268 6.07 18.15 -16.91
N SER A 269 5.38 19.09 -17.54
CA SER A 269 6.01 20.23 -18.18
C SER A 269 6.27 21.37 -17.20
N MET A 270 5.79 21.25 -15.97
CA MET A 270 6.02 22.28 -14.97
C MET A 270 7.39 22.07 -14.32
N PRO A 271 8.14 23.15 -14.06
CA PRO A 271 9.45 23.00 -13.40
C PRO A 271 9.35 22.48 -11.98
N LEU A 272 8.20 22.67 -11.32
CA LEU A 272 8.03 22.25 -9.94
C LEU A 272 6.73 21.47 -9.81
N ASN A 273 6.80 20.29 -9.22
CA ASN A 273 5.63 19.51 -8.87
C ASN A 273 5.52 19.41 -7.35
N TYR A 274 4.30 19.22 -6.88
CA TYR A 274 4.05 19.21 -5.44
C TYR A 274 2.85 18.35 -5.12
N TRP A 275 2.87 17.76 -3.93
CA TRP A 275 1.69 17.14 -3.34
C TRP A 275 1.56 17.60 -1.90
N ALA A 276 0.33 17.86 -1.48
CA ALA A 276 0.04 18.28 -0.11
C ALA A 276 -1.33 17.72 0.26
N SER A 277 -1.40 17.04 1.40
CA SER A 277 -2.64 16.41 1.81
C SER A 277 -2.73 16.37 3.33
N ALA A 278 -3.89 16.74 3.85
CA ALA A 278 -4.22 16.61 5.27
C ALA A 278 -5.42 15.69 5.39
N THR A 279 -5.35 14.73 6.31
CA THR A 279 -6.38 13.72 6.46
C THR A 279 -6.73 13.57 7.93
N TRP A 280 -8.00 13.75 8.26
CA TRP A 280 -8.51 13.57 9.61
C TRP A 280 -9.16 12.20 9.71
N LEU A 281 -8.73 11.41 10.70
CA LEU A 281 -9.31 10.10 10.96
C LEU A 281 -10.17 10.18 12.22
N THR A 282 -11.45 9.85 12.07
CA THR A 282 -12.40 9.90 13.17
C THR A 282 -13.11 8.55 13.28
N GLY A 283 -13.80 8.36 14.39
CA GLY A 283 -14.56 7.16 14.66
C GLY A 283 -14.21 6.58 16.01
N ASP A 284 -14.41 5.28 16.15
CA ASP A 284 -14.15 4.59 17.40
C ASP A 284 -13.56 3.22 17.13
N ARG A 285 -12.82 2.71 18.11
CA ARG A 285 -12.24 1.37 18.09
C ARG A 285 -12.56 0.68 19.40
N ASP A 286 -12.86 -0.62 19.32
CA ASP A 286 -12.99 -1.47 20.50
C ASP A 286 -11.87 -2.49 20.44
N ASN A 287 -10.77 -2.19 21.14
CA ASN A 287 -9.56 -3.01 21.07
C ASN A 287 -9.65 -4.16 22.07
N LEU A 288 -9.31 -5.36 21.60
CA LEU A 288 -9.32 -6.54 22.45
C LEU A 288 -8.09 -6.56 23.36
N THR A 289 -8.32 -6.70 24.65
CA THR A 289 -7.25 -6.81 25.63
C THR A 289 -6.99 -8.29 25.91
N THR A 290 -5.71 -8.65 26.01
CA THR A 290 -5.30 -10.04 26.15
C THR A 290 -4.26 -10.19 27.25
N THR A 291 -4.10 -11.43 27.71
CA THR A 291 -3.11 -11.80 28.70
C THR A 291 -2.66 -13.23 28.43
N THR A 292 -1.43 -13.55 28.82
CA THR A 292 -0.83 -14.84 28.55
C THR A 292 -0.90 -15.72 29.80
N VAL A 293 -1.46 -16.91 29.64
CA VAL A 293 -1.53 -17.91 30.72
C VAL A 293 -0.96 -19.21 30.14
N ASP A 294 0.26 -19.56 30.55
CA ASP A 294 0.93 -20.79 30.12
C ASP A 294 1.20 -20.82 28.62
N ASP A 295 1.93 -19.82 28.11
CA ASP A 295 2.34 -19.75 26.70
C ASP A 295 1.15 -19.87 25.76
N ARG A 296 0.07 -19.18 26.11
CA ARG A 296 -1.10 -19.07 25.23
C ARG A 296 -1.93 -17.89 25.72
N ARG A 297 -2.39 -17.07 24.78
CA ARG A 297 -2.97 -15.77 25.12
C ARG A 297 -4.48 -15.89 25.24
N ILE A 298 -5.02 -15.33 26.32
CA ILE A 298 -6.43 -15.40 26.65
C ILE A 298 -7.03 -14.01 26.52
N ALA A 299 -8.24 -13.94 25.94
CA ALA A 299 -8.96 -12.68 25.90
C ALA A 299 -9.41 -12.29 27.30
N THR A 300 -9.22 -11.03 27.65
CA THR A 300 -9.57 -10.53 28.97
C THR A 300 -10.70 -9.52 28.95
N GLY A 301 -11.07 -9.01 27.79
CA GLY A 301 -12.12 -8.03 27.66
C GLY A 301 -11.83 -7.14 26.46
N LYS A 302 -12.35 -5.91 26.53
CA LYS A 302 -12.17 -4.95 25.45
C LYS A 302 -12.52 -3.56 25.98
N GLN A 303 -11.96 -2.54 25.33
CA GLN A 303 -12.24 -1.16 25.66
C GLN A 303 -12.61 -0.41 24.39
N SER A 304 -13.63 0.44 24.48
CA SER A 304 -13.97 1.35 23.40
C SER A 304 -13.24 2.67 23.57
N GLY A 305 -13.06 3.37 22.46
CA GLY A 305 -12.39 4.66 22.49
C GLY A 305 -12.48 5.42 21.19
N ASP A 306 -12.80 6.70 21.28
CA ASP A 306 -12.87 7.54 20.10
C ASP A 306 -11.48 7.69 19.47
N VAL A 307 -11.44 7.69 18.15
CA VAL A 307 -10.23 8.00 17.40
C VAL A 307 -10.39 9.39 16.80
N ASN A 308 -9.40 10.26 17.05
CA ASN A 308 -9.37 11.60 16.48
C ASN A 308 -7.92 11.89 16.08
N ALA A 309 -7.49 11.26 15.00
CA ALA A 309 -6.11 11.34 14.54
C ALA A 309 -6.00 12.29 13.35
N PHE A 310 -4.75 12.54 12.95
CA PHE A 310 -4.45 13.46 11.87
C PHE A 310 -3.26 12.96 11.08
N GLY A 311 -3.35 13.07 9.76
CA GLY A 311 -2.28 12.65 8.88
C GLY A 311 -1.98 13.71 7.85
N VAL A 312 -0.69 13.97 7.66
CA VAL A 312 -0.22 14.96 6.70
C VAL A 312 0.85 14.33 5.82
N ASP A 313 0.87 14.70 4.55
CA ASP A 313 1.90 14.27 3.61
C ASP A 313 2.19 15.44 2.67
N LEU A 314 3.42 15.95 2.74
CA LEU A 314 3.85 17.08 1.93
C LEU A 314 4.99 16.64 1.03
N GLY A 315 5.06 17.27 -0.14
CA GLY A 315 6.11 16.92 -1.08
C GLY A 315 6.32 17.95 -2.17
N LEU A 316 7.58 18.14 -2.54
CA LEU A 316 7.95 19.08 -3.59
C LEU A 316 9.00 18.40 -4.46
N ARG A 317 8.76 18.37 -5.77
CA ARG A 317 9.67 17.71 -6.70
C ARG A 317 10.19 18.73 -7.71
N TRP A 318 11.51 18.86 -7.77
CA TRP A 318 12.15 19.72 -8.76
C TRP A 318 12.25 18.99 -10.09
N ASN A 319 11.80 19.65 -11.16
CA ASN A 319 12.01 19.16 -12.52
C ASN A 319 13.20 19.94 -13.09
N ILE A 320 14.40 19.43 -12.81
CA ILE A 320 15.62 20.16 -13.14
C ILE A 320 15.76 20.31 -14.66
N ASP A 321 15.64 19.20 -15.37
CA ASP A 321 15.65 19.23 -16.83
C ASP A 321 14.68 18.16 -17.32
N GLU A 322 14.87 17.68 -18.55
CA GLU A 322 14.01 16.65 -19.10
C GLU A 322 14.37 15.25 -18.63
N GLN A 323 15.54 15.07 -18.00
CA GLN A 323 15.97 13.78 -17.49
C GLN A 323 16.10 13.74 -15.98
N TRP A 324 16.71 14.77 -15.37
CA TRP A 324 17.00 14.76 -13.94
C TRP A 324 15.86 15.41 -13.15
N LYS A 325 15.51 14.78 -12.03
CA LYS A 325 14.52 15.30 -11.11
C LYS A 325 14.97 15.00 -9.69
N ALA A 326 14.70 15.94 -8.79
CA ALA A 326 14.98 15.76 -7.37
C ALA A 326 13.83 16.35 -6.56
N GLY A 327 13.69 15.89 -5.33
CA GLY A 327 12.55 16.35 -4.55
C GLY A 327 12.68 16.04 -3.08
N VAL A 328 11.69 16.50 -2.33
CA VAL A 328 11.69 16.46 -0.87
C VAL A 328 10.28 16.11 -0.42
N GLY A 329 10.18 15.35 0.67
CA GLY A 329 8.89 14.99 1.21
C GLY A 329 8.91 14.98 2.73
N TYR A 330 7.74 15.28 3.31
CA TYR A 330 7.51 15.14 4.74
C TYR A 330 6.12 14.57 4.95
N ALA A 331 6.04 13.41 5.60
CA ALA A 331 4.76 12.80 5.94
C ALA A 331 4.77 12.47 7.42
N ARG A 332 3.67 12.80 8.10
CA ARG A 332 3.55 12.57 9.53
C ARG A 332 2.19 11.93 9.82
N GLY A 333 2.22 10.76 10.45
CA GLY A 333 1.02 10.13 10.98
C GLY A 333 1.01 10.26 12.49
N SER A 334 -0.07 10.84 13.01
CA SER A 334 -0.17 11.06 14.45
C SER A 334 -0.17 9.73 15.20
N GLY A 335 0.27 9.78 16.46
CA GLY A 335 0.34 8.59 17.28
C GLY A 335 0.19 8.94 18.74
N GLY A 336 -0.14 7.91 19.53
CA GLY A 336 -0.30 8.12 20.96
C GLY A 336 -1.56 8.92 21.26
N GLY A 337 -1.44 9.86 22.19
CA GLY A 337 -2.57 10.65 22.62
C GLY A 337 -3.33 10.00 23.77
N LYS A 338 -4.39 10.69 24.19
CA LYS A 338 -5.20 10.22 25.30
C LYS A 338 -5.89 8.91 24.96
N ASP A 339 -5.46 7.83 25.61
CA ASP A 339 -6.01 6.48 25.38
C ASP A 339 -5.89 6.09 23.90
N GLY A 340 -4.81 6.52 23.27
CA GLY A 340 -4.57 6.19 21.87
C GLY A 340 -5.46 6.91 20.89
N GLU A 341 -6.11 8.00 21.29
CA GLU A 341 -7.05 8.69 20.41
C GLU A 341 -6.38 9.25 19.18
N GLU A 342 -5.09 9.57 19.27
CA GLU A 342 -4.36 10.21 18.18
C GLU A 342 -3.60 9.20 17.32
N GLN A 343 -3.87 7.92 17.47
CA GLN A 343 -3.17 6.89 16.70
C GLN A 343 -3.75 6.87 15.29
N PHE A 344 -3.05 7.49 14.35
CA PHE A 344 -3.49 7.44 12.96
C PHE A 344 -3.28 6.05 12.39
N GLN A 345 -4.04 5.74 11.34
CA GLN A 345 -3.90 4.48 10.64
C GLN A 345 -4.52 4.64 9.26
N GLN A 346 -3.98 3.91 8.29
CA GLN A 346 -4.47 3.98 6.93
C GLN A 346 -5.60 2.97 6.73
N THR A 347 -6.15 2.94 5.51
CA THR A 347 -7.44 2.30 5.28
C THR A 347 -7.39 0.77 5.35
N GLY A 348 -6.20 0.18 5.26
CA GLY A 348 -6.08 -1.25 5.06
C GLY A 348 -6.05 -1.66 3.60
N LEU A 349 -6.52 -0.81 2.70
CA LEU A 349 -6.43 -1.03 1.27
C LEU A 349 -5.21 -0.36 0.64
N GLU A 350 -4.39 0.32 1.44
CA GLU A 350 -3.31 1.11 0.89
C GLU A 350 -2.19 0.23 0.38
N SER A 351 -1.37 0.80 -0.51
CA SER A 351 -0.08 0.26 -0.86
C SER A 351 1.06 1.21 -0.56
N ASN A 352 0.78 2.51 -0.41
CA ASN A 352 1.80 3.53 -0.15
C ASN A 352 2.89 3.49 -1.21
N ARG A 353 2.49 3.25 -2.45
CA ARG A 353 3.39 3.21 -3.59
C ARG A 353 2.87 4.17 -4.65
N SER A 354 3.70 5.13 -5.05
CA SER A 354 3.30 6.10 -6.06
C SER A 354 4.54 6.48 -6.87
N ASN A 355 4.30 7.28 -7.91
CA ASN A 355 5.37 7.83 -8.74
C ASN A 355 5.83 9.19 -8.21
N PHE A 356 6.06 9.27 -6.89
CA PHE A 356 6.41 10.55 -6.29
C PHE A 356 7.81 11.00 -6.71
N THR A 357 8.70 10.05 -7.00
CA THR A 357 10.02 10.41 -7.51
C THR A 357 9.98 10.99 -8.92
N GLY A 358 8.80 11.03 -9.55
CA GLY A 358 8.68 11.60 -10.87
C GLY A 358 9.14 10.70 -11.98
N THR A 359 9.10 9.38 -11.78
CA THR A 359 9.48 8.42 -12.80
C THR A 359 8.28 7.52 -13.12
N ARG A 360 8.36 6.88 -14.29
CA ARG A 360 7.33 5.94 -14.69
C ARG A 360 7.19 4.79 -13.69
N SER A 361 8.32 4.30 -13.18
CA SER A 361 8.29 3.31 -12.11
C SER A 361 7.78 3.94 -10.83
N ARG A 362 7.07 3.15 -10.04
CA ARG A 362 6.46 3.61 -8.80
C ARG A 362 7.23 3.08 -7.61
N VAL A 363 7.46 3.94 -6.63
CA VAL A 363 8.30 3.63 -5.48
C VAL A 363 7.44 3.69 -4.22
N HIS A 364 7.77 2.84 -3.24
CA HIS A 364 7.07 2.86 -1.97
C HIS A 364 7.36 4.17 -1.25
N ARG A 365 6.29 4.86 -0.83
CA ARG A 365 6.43 6.20 -0.27
C ARG A 365 7.31 6.21 0.98
N PHE A 366 7.36 5.11 1.72
CA PHE A 366 8.07 5.06 3.00
C PHE A 366 9.10 3.93 2.99
N GLY A 367 9.79 3.75 1.87
CA GLY A 367 10.89 2.80 1.79
C GLY A 367 10.47 1.40 1.38
N GLU A 368 11.25 0.78 0.49
CA GLU A 368 10.98 -0.59 0.10
C GLU A 368 11.38 -1.59 1.19
N ALA A 369 12.29 -1.19 2.09
CA ALA A 369 12.70 -2.06 3.19
C ALA A 369 11.84 -1.85 4.43
N PHE A 370 11.70 -0.59 4.88
CA PHE A 370 10.88 -0.33 6.05
C PHE A 370 9.40 -0.53 5.74
N ARG A 371 8.94 -0.06 4.57
CA ARG A 371 7.55 -0.18 4.16
C ARG A 371 6.60 0.35 5.21
N GLY A 372 6.91 1.56 5.69
CA GLY A 372 6.18 2.10 6.82
C GLY A 372 4.74 2.44 6.46
N GLU A 373 3.85 2.22 7.41
CA GLU A 373 2.49 2.73 7.36
C GLU A 373 2.45 4.06 8.10
N LEU A 374 1.74 5.04 7.52
CA LEU A 374 1.64 6.37 8.13
C LEU A 374 0.80 6.25 9.40
N SER A 375 1.46 5.76 10.46
CA SER A 375 0.79 5.52 11.74
C SER A 375 1.80 5.69 12.86
N ASN A 376 1.59 6.68 13.72
CA ASN A 376 2.56 7.04 14.76
C ASN A 376 3.93 7.32 14.14
N LEU A 377 3.94 7.76 12.89
CA LEU A 377 5.14 7.79 12.07
C LEU A 377 5.43 9.21 11.62
N GLN A 378 6.72 9.55 11.59
CA GLN A 378 7.20 10.80 11.05
C GLN A 378 8.31 10.50 10.06
N ALA A 379 8.23 11.05 8.85
CA ALA A 379 9.15 10.70 7.79
C ALA A 379 9.63 11.94 7.06
N ALA A 380 10.94 12.05 6.91
CA ALA A 380 11.56 13.03 6.04
C ALA A 380 12.22 12.30 4.87
N THR A 381 11.94 12.75 3.65
CA THR A 381 12.32 12.01 2.46
C THR A 381 13.06 12.91 1.49
N LEU A 382 14.28 12.53 1.13
CA LEU A 382 15.02 13.11 0.02
C LEU A 382 15.03 12.12 -1.13
N PHE A 383 14.96 12.63 -2.35
CA PHE A 383 15.09 11.73 -3.50
C PHE A 383 15.62 12.49 -4.69
N GLY A 384 16.48 11.81 -5.45
CA GLY A 384 16.83 12.23 -6.80
C GLY A 384 16.42 11.12 -7.76
N SER A 385 16.00 11.53 -8.95
CA SER A 385 15.56 10.56 -9.94
C SER A 385 16.02 11.01 -11.32
N TRP A 386 16.12 10.04 -12.22
CA TRP A 386 16.57 10.29 -13.58
C TRP A 386 15.85 9.32 -14.51
N GLN A 387 15.54 9.79 -15.72
CA GLN A 387 14.80 9.00 -16.68
C GLN A 387 15.14 9.49 -18.08
N LEU A 388 15.31 8.55 -19.01
CA LEU A 388 15.62 8.85 -20.41
C LEU A 388 14.46 8.38 -21.28
N ARG A 389 13.64 9.32 -21.72
CA ARG A 389 12.44 9.05 -22.53
C ARG A 389 11.59 8.04 -21.77
N GLU A 390 11.18 6.94 -22.39
CA GLU A 390 10.54 5.83 -21.71
C GLU A 390 11.41 4.59 -21.71
N ASP A 391 12.70 4.74 -22.02
CA ASP A 391 13.61 3.59 -22.07
C ASP A 391 14.11 3.21 -20.68
N TYR A 392 14.44 4.20 -19.85
CA TYR A 392 14.99 3.97 -18.54
C TYR A 392 14.40 4.95 -17.54
N ASP A 393 14.37 4.53 -16.28
CA ASP A 393 14.19 5.46 -15.17
C ASP A 393 14.98 4.94 -13.98
N ALA A 394 15.49 5.86 -13.17
CA ALA A 394 16.23 5.51 -11.97
C ALA A 394 15.82 6.46 -10.86
N SER A 395 15.85 5.95 -9.63
CA SER A 395 15.47 6.74 -8.46
C SER A 395 16.34 6.35 -7.28
N LEU A 396 16.90 7.37 -6.61
CA LEU A 396 17.65 7.21 -5.38
C LEU A 396 16.92 7.97 -4.30
N VAL A 397 16.43 7.26 -3.29
CA VAL A 397 15.55 7.83 -2.27
C VAL A 397 16.13 7.58 -0.89
N TYR A 398 16.24 8.63 -0.09
CA TYR A 398 16.67 8.55 1.30
C TYR A 398 15.50 8.86 2.22
N HIS A 399 15.36 8.07 3.28
CA HIS A 399 14.33 8.27 4.29
C HIS A 399 14.96 8.39 5.67
N LYS A 400 14.27 9.11 6.55
CA LYS A 400 14.52 9.05 7.98
C LYS A 400 13.20 8.96 8.70
N PHE A 401 13.12 8.07 9.68
CA PHE A 401 11.86 7.76 10.36
C PHE A 401 11.96 8.08 11.85
N TRP A 402 10.91 8.69 12.38
CA TRP A 402 10.76 8.90 13.80
C TRP A 402 9.41 8.35 14.24
N ARG A 403 9.32 8.02 15.52
CA ARG A 403 8.01 7.83 16.13
C ARG A 403 7.46 9.18 16.57
N VAL A 404 6.13 9.25 16.68
CA VAL A 404 5.50 10.41 17.28
C VAL A 404 5.34 10.22 18.80
N ASP A 405 5.09 8.99 19.25
CA ASP A 405 4.94 8.70 20.67
C ASP A 405 5.78 7.49 21.03
N ASP A 406 6.53 7.60 22.12
CA ASP A 406 7.55 6.62 22.48
C ASP A 406 6.98 5.32 23.05
N ASP A 407 5.76 5.34 23.57
CA ASP A 407 5.14 4.16 24.15
C ASP A 407 4.10 3.54 23.23
N SER A 408 3.90 4.11 22.05
CA SER A 408 2.93 3.64 21.08
C SER A 408 3.65 2.98 19.92
N ASP A 409 3.21 1.78 19.54
CA ASP A 409 3.76 1.11 18.37
C ASP A 409 3.33 1.85 17.11
N ILE A 410 4.09 1.65 16.04
CA ILE A 410 3.77 2.25 14.76
C ILE A 410 2.94 1.26 13.93
N GLY A 411 2.40 1.73 12.82
CA GLY A 411 1.63 0.87 11.94
C GLY A 411 2.50 -0.20 11.30
N THR A 412 1.91 -0.87 10.31
CA THR A 412 2.60 -1.97 9.64
C THR A 412 3.91 -1.50 9.01
N SER A 413 4.80 -2.45 8.81
CA SER A 413 6.10 -2.18 8.23
C SER A 413 6.70 -3.49 7.73
N GLY A 414 7.81 -3.38 7.01
CA GLY A 414 8.56 -4.54 6.57
C GLY A 414 9.61 -4.94 7.59
N ILE A 415 9.40 -4.54 8.84
CA ILE A 415 10.32 -4.82 9.94
C ILE A 415 9.52 -5.42 11.09
N ASN A 416 9.87 -6.64 11.47
CA ASN A 416 9.20 -7.34 12.58
C ASN A 416 10.13 -7.38 13.78
N ALA A 417 10.31 -6.22 14.40
CA ALA A 417 11.18 -6.09 15.57
C ALA A 417 10.55 -5.12 16.56
N ALA A 418 10.47 -5.53 17.82
CA ALA A 418 9.86 -4.70 18.84
C ALA A 418 10.63 -3.40 19.03
N LEU A 419 9.90 -2.35 19.38
CA LEU A 419 10.50 -1.03 19.61
C LEU A 419 10.80 -0.83 21.09
N GLN A 420 11.92 -0.18 21.38
CA GLN A 420 12.22 0.15 22.77
C GLN A 420 11.33 1.28 23.24
N PRO A 421 10.76 1.18 24.44
CA PRO A 421 10.00 2.29 25.00
C PRO A 421 10.90 3.48 25.30
N GLY A 422 10.42 4.67 24.94
CA GLY A 422 11.13 5.89 25.21
C GLY A 422 12.00 6.42 24.09
N GLU A 423 11.90 5.85 22.89
CA GLU A 423 12.85 6.14 21.81
C GLU A 423 12.09 6.41 20.51
N LYS A 424 12.35 7.56 19.90
CA LYS A 424 11.73 7.96 18.64
C LYS A 424 12.50 7.50 17.41
N ASP A 425 13.83 7.43 17.51
CA ASP A 425 14.70 7.18 16.37
C ASP A 425 14.42 5.80 15.80
N ILE A 426 13.57 5.73 14.77
CA ILE A 426 13.26 4.47 14.13
C ILE A 426 14.42 4.02 13.25
N GLY A 427 14.92 4.90 12.41
CA GLY A 427 16.07 4.58 11.58
C GLY A 427 16.00 5.28 10.25
N GLN A 428 17.02 5.03 9.45
CA GLN A 428 17.18 5.63 8.12
C GLN A 428 17.07 4.56 7.05
N GLU A 429 16.84 5.01 5.81
CA GLU A 429 16.69 4.08 4.70
C GLU A 429 17.11 4.76 3.41
N LEU A 430 17.94 4.08 2.63
CA LEU A 430 18.34 4.52 1.30
C LEU A 430 17.83 3.52 0.29
N ASP A 431 17.14 4.01 -0.75
CA ASP A 431 16.52 3.16 -1.75
C ASP A 431 17.08 3.45 -3.13
N LEU A 432 17.02 2.44 -4.00
CA LEU A 432 17.49 2.57 -5.37
C LEU A 432 16.59 1.72 -6.27
N VAL A 433 15.91 2.39 -7.20
CA VAL A 433 15.07 1.72 -8.20
C VAL A 433 15.66 2.05 -9.57
N VAL A 434 16.01 1.01 -10.32
CA VAL A 434 16.53 1.15 -11.67
C VAL A 434 15.69 0.29 -12.60
N THR A 435 15.30 0.86 -13.74
CA THR A 435 14.38 0.19 -14.65
C THR A 435 14.81 0.42 -16.09
N LYS A 436 14.75 -0.64 -16.89
CA LYS A 436 14.87 -0.55 -18.34
C LYS A 436 13.60 -1.12 -18.96
N TYR A 437 12.93 -0.31 -19.78
CA TYR A 437 11.74 -0.75 -20.51
C TYR A 437 12.16 -1.15 -21.93
N PHE A 438 11.79 -2.36 -22.33
CA PHE A 438 12.14 -2.85 -23.64
C PHE A 438 11.12 -2.41 -24.68
N SER A 455 6.59 -2.44 -23.33
CA SER A 455 5.87 -3.56 -22.72
C SER A 455 6.73 -4.25 -21.67
N ALA A 456 7.73 -4.99 -22.13
CA ALA A 456 8.63 -5.70 -21.22
C ALA A 456 9.50 -4.71 -20.44
N LEU A 457 9.96 -5.16 -19.28
CA LEU A 457 10.83 -4.34 -18.46
C LEU A 457 11.69 -5.22 -17.56
N ILE A 458 12.85 -4.68 -17.18
CA ILE A 458 13.70 -5.27 -16.15
C ILE A 458 13.91 -4.18 -15.09
N ARG A 459 13.66 -4.52 -13.83
CA ARG A 459 13.66 -3.53 -12.76
C ARG A 459 14.33 -4.10 -11.52
N PHE A 460 15.20 -3.28 -10.92
CA PHE A 460 15.78 -3.58 -9.61
C PHE A 460 15.19 -2.61 -8.60
N ARG A 461 14.57 -3.16 -7.56
CA ARG A 461 14.09 -2.37 -6.42
C ARG A 461 14.91 -2.77 -5.20
N GLY A 462 15.61 -1.79 -4.62
CA GLY A 462 16.46 -2.07 -3.48
C GLY A 462 16.22 -1.13 -2.32
N GLY A 463 16.12 -1.69 -1.12
CA GLY A 463 16.00 -0.89 0.08
C GLY A 463 16.99 -1.30 1.15
N LEU A 464 17.73 -0.34 1.67
CA LEU A 464 18.74 -0.58 2.69
C LEU A 464 18.33 0.18 3.95
N PHE A 465 17.84 -0.55 4.95
CA PHE A 465 17.31 0.06 6.16
C PHE A 465 18.36 -0.01 7.27
N LYS A 466 18.67 1.14 7.86
CA LYS A 466 19.60 1.22 8.98
C LYS A 466 18.81 1.48 10.25
N PRO A 467 18.53 0.46 11.07
CA PRO A 467 17.67 0.66 12.24
C PRO A 467 18.24 1.71 13.19
N GLY A 468 17.33 2.44 13.83
CA GLY A 468 17.71 3.45 14.80
C GLY A 468 17.79 2.91 16.21
N ASP A 469 17.94 3.83 17.16
CA ASP A 469 18.03 3.44 18.57
C ASP A 469 16.76 2.73 19.04
N ALA A 470 15.63 2.96 18.38
CA ALA A 470 14.37 2.41 18.85
C ALA A 470 14.34 0.88 18.81
N TYR A 471 15.29 0.25 18.12
CA TYR A 471 15.36 -1.21 18.06
C TYR A 471 16.38 -1.81 19.01
N GLY A 472 17.43 -1.07 19.38
CA GLY A 472 18.23 -1.42 20.52
C GLY A 472 19.12 -2.64 20.37
N PRO A 473 19.51 -3.23 21.50
CA PRO A 473 20.57 -4.24 21.50
C PRO A 473 20.11 -5.54 20.86
N GLY A 474 21.09 -6.29 20.35
CA GLY A 474 20.85 -7.56 19.72
C GLY A 474 20.33 -7.50 18.29
N THR A 475 19.93 -6.32 17.82
CA THR A 475 19.39 -6.17 16.48
C THR A 475 20.51 -5.88 15.48
N ASP A 476 20.29 -6.31 14.24
CA ASP A 476 21.28 -6.08 13.19
C ASP A 476 21.40 -4.58 12.90
N SER A 477 22.62 -4.16 12.61
CA SER A 477 22.88 -2.76 12.30
C SER A 477 22.36 -2.36 10.93
N THR A 478 22.02 -3.32 10.06
CA THR A 478 21.58 -3.00 8.72
C THR A 478 20.73 -4.14 8.18
N MET A 479 19.61 -3.77 7.54
CA MET A 479 18.69 -4.72 6.93
C MET A 479 18.38 -4.28 5.51
N HIS A 480 18.31 -5.25 4.59
CA HIS A 480 18.05 -4.95 3.19
C HIS A 480 16.93 -5.83 2.66
N ARG A 481 16.16 -5.27 1.73
CA ARG A 481 15.19 -6.02 0.93
C ARG A 481 15.34 -5.58 -0.51
N ALA A 482 15.63 -6.51 -1.40
CA ALA A 482 15.91 -6.20 -2.80
C ALA A 482 15.09 -7.10 -3.72
N PHE A 483 14.83 -6.60 -4.92
CA PHE A 483 14.11 -7.34 -5.94
C PHE A 483 14.76 -7.10 -7.30
N VAL A 484 14.72 -8.13 -8.15
CA VAL A 484 15.06 -8.00 -9.55
C VAL A 484 13.86 -8.54 -10.32
N ASP A 485 12.99 -7.63 -10.78
CA ASP A 485 11.79 -7.99 -11.52
C ASP A 485 12.07 -7.90 -13.01
N PHE A 486 11.92 -9.03 -13.70
CA PHE A 486 11.95 -9.08 -15.16
C PHE A 486 10.54 -9.45 -15.62
N ILE A 487 9.93 -8.58 -16.40
CA ILE A 487 8.54 -8.73 -16.82
C ILE A 487 8.47 -8.76 -18.34
N TRP A 488 7.62 -9.62 -18.89
CA TRP A 488 7.38 -9.73 -20.32
C TRP A 488 5.87 -9.81 -20.57
N ARG A 489 5.39 -9.02 -21.52
CA ARG A 489 3.98 -8.99 -21.90
C ARG A 489 3.79 -9.58 -23.29
N PHE A 490 2.86 -10.53 -23.42
CA PHE A 490 2.39 -10.94 -24.73
C PHE A 490 1.01 -10.33 -24.97
#